data_9KMA
#
_entry.id   9KMA
#
_cell.length_a   61.680
_cell.length_b   63.906
_cell.length_c   152.523
_cell.angle_alpha   90.00
_cell.angle_beta   90.00
_cell.angle_gamma   90.00
#
_symmetry.space_group_name_H-M   'P 21 21 21'
#
_entity_poly.entity_id   1
_entity_poly.type   'polypeptide(L)'
_entity_poly.pdbx_seq_one_letter_code
;MGSSHHHHHHSSGLVPRGSHMSGVSSRPCGYWFSTNAAMTNVGEEDKQSIPSIELKENIELTDKERKIFDRLLSTLRYCN
LDTQLRVAGGWVRDKLLGKESDDIDIAIDNMSGSEFLDKFKEYLSSRDEEVQGDTVIERNPDQSKHLETAKLRIYDQWID
FVNLRSEEYTENSRIPTMKFGTAKDDAFRRDLTINSLFYNINSGAVEDLTERGIDDLKSGKIVTPLPAKATFLDDPLRVL
RAVRFGARFGFTLDEELKEAASSEEVRVALGEKISRERIGNEIDLMISGNGPVSAVTYLSDLKLFSVVFALPSSAEPSPP
ENCGSLSQSYLEAMWSLLKTPRPGKFSGEQRRLALYAAMFLPFRKTVYKDTKGKSIPVVNHIFKFSMKRKTSDAETVMNI
HQTTERFRSLIPSLEVKKDVELDELTWAADILEHWKSITLNDPVIPATSKIRVLTGFLLRDIKDFWRVSLLTSLLLSATV
DGSNDHQDIGQLDFQLERMRETYLTVEATIHELGLDKIWDAKPLVNGREIMQIAELKGGSRLIREWQQKLLTWQLAYPNG
TAEECKEWMRDIKAKRQRIE
;
_entity_poly.pdbx_strand_id   A
#
# COMPACT_ATOMS: atom_id res chain seq x y z
N ILE A 53 -25.10 5.56 -13.59
CA ILE A 53 -25.04 5.07 -12.22
C ILE A 53 -26.44 5.16 -11.60
N GLU A 54 -26.83 4.08 -10.91
CA GLU A 54 -28.16 4.00 -10.25
C GLU A 54 -28.10 4.74 -8.91
N LEU A 55 -28.57 5.99 -8.88
CA LEU A 55 -28.50 6.84 -7.66
C LEU A 55 -29.73 6.62 -6.80
N LYS A 56 -29.73 7.19 -5.60
CA LYS A 56 -30.88 7.09 -4.67
C LYS A 56 -31.77 8.31 -4.87
N GLU A 57 -33.06 8.18 -4.53
CA GLU A 57 -34.04 9.28 -4.69
C GLU A 57 -33.63 10.44 -3.76
N ASN A 58 -33.56 10.17 -2.45
CA ASN A 58 -33.17 11.21 -1.46
C ASN A 58 -32.20 10.53 -0.49
N ILE A 59 -31.76 11.25 0.54
CA ILE A 59 -30.61 10.85 1.41
C ILE A 59 -31.16 10.10 2.63
N GLU A 60 -30.99 8.77 2.66
CA GLU A 60 -31.48 7.94 3.79
C GLU A 60 -30.59 8.18 5.02
N LEU A 61 -31.20 8.56 6.15
CA LEU A 61 -30.44 8.83 7.40
C LEU A 61 -30.42 7.57 8.27
N THR A 62 -29.47 7.49 9.20
CA THR A 62 -29.34 6.32 10.11
C THR A 62 -29.79 6.77 11.51
N ASP A 63 -29.66 5.89 12.50
CA ASP A 63 -30.24 6.11 13.86
C ASP A 63 -29.41 7.18 14.59
N LYS A 64 -28.09 7.20 14.36
CA LYS A 64 -27.19 8.19 15.00
C LYS A 64 -27.31 9.53 14.26
N GLU A 65 -27.16 9.51 12.94
CA GLU A 65 -27.24 10.75 12.12
C GLU A 65 -28.53 11.51 12.46
N ARG A 66 -29.68 10.86 12.27
CA ARG A 66 -31.01 11.48 12.56
C ARG A 66 -30.99 12.06 13.97
N LYS A 67 -30.66 11.24 14.97
CA LYS A 67 -30.61 11.69 16.39
C LYS A 67 -29.71 12.91 16.51
N ILE A 68 -28.50 12.84 15.93
CA ILE A 68 -27.53 13.96 15.98
C ILE A 68 -28.15 15.20 15.33
N PHE A 69 -28.82 15.00 14.18
CA PHE A 69 -29.47 16.12 13.45
C PHE A 69 -30.63 16.68 14.28
N ASP A 70 -31.33 15.80 15.00
CA ASP A 70 -32.48 16.21 15.85
C ASP A 70 -32.00 17.20 16.91
N ARG A 71 -30.84 16.94 17.52
CA ARG A 71 -30.28 17.83 18.57
C ARG A 71 -29.77 19.13 17.92
N LEU A 72 -29.19 19.03 16.72
CA LEU A 72 -28.66 20.21 16.00
C LEU A 72 -29.82 21.17 15.67
N LEU A 73 -30.98 20.62 15.30
CA LEU A 73 -32.18 21.43 14.94
C LEU A 73 -32.83 21.94 16.23
N SER A 74 -32.63 21.24 17.34
CA SER A 74 -33.21 21.64 18.65
C SER A 74 -32.42 22.79 19.25
N THR A 75 -31.14 22.91 18.89
CA THR A 75 -30.27 24.00 19.40
C THR A 75 -30.58 25.30 18.65
N LEU A 76 -31.09 25.19 17.43
CA LEU A 76 -31.44 26.38 16.61
C LEU A 76 -32.69 27.06 17.18
N ARG A 77 -33.51 26.28 17.90
CA ARG A 77 -34.73 26.81 18.50
C ARG A 77 -34.56 27.14 19.98
N TYR A 78 -33.86 26.27 20.71
CA TYR A 78 -33.62 26.48 22.16
C TYR A 78 -32.76 27.73 22.36
N CYS A 79 -32.00 28.10 21.33
CA CYS A 79 -31.12 29.31 21.38
C CYS A 79 -31.64 30.36 20.39
N ASN A 80 -32.67 30.01 19.62
CA ASN A 80 -33.28 30.94 18.62
C ASN A 80 -32.23 31.49 17.63
N LEU A 81 -31.51 30.59 16.96
CA LEU A 81 -30.47 30.99 15.97
C LEU A 81 -31.02 30.99 14.54
N ASP A 82 -30.56 31.94 13.72
CA ASP A 82 -31.02 32.05 12.30
C ASP A 82 -30.09 31.38 11.27
N THR A 83 -29.20 30.50 11.74
CA THR A 83 -28.08 29.96 10.91
C THR A 83 -28.58 28.75 10.10
N GLN A 84 -28.12 28.62 8.86
CA GLN A 84 -28.53 27.50 7.98
C GLN A 84 -27.41 26.46 7.93
N LEU A 85 -27.46 25.47 8.83
CA LEU A 85 -26.43 24.40 8.89
C LEU A 85 -26.56 23.49 7.67
N ARG A 86 -25.49 22.82 7.26
CA ARG A 86 -25.33 22.14 5.98
C ARG A 86 -24.20 21.14 6.03
N VAL A 87 -24.32 19.92 5.52
CA VAL A 87 -23.19 18.94 5.53
C VAL A 87 -22.28 19.24 4.32
N ALA A 88 -20.98 18.98 4.48
CA ALA A 88 -20.02 19.20 3.42
C ALA A 88 -20.08 18.09 2.39
N GLY A 89 -19.26 18.22 1.34
CA GLY A 89 -19.49 17.48 0.10
C GLY A 89 -19.26 16.00 0.21
N GLY A 90 -18.25 15.59 0.99
CA GLY A 90 -17.87 14.18 1.02
C GLY A 90 -18.97 13.25 1.51
N TRP A 91 -19.86 13.75 2.37
CA TRP A 91 -20.90 12.90 2.95
C TRP A 91 -22.09 12.75 2.01
N VAL A 92 -22.50 13.84 1.35
CA VAL A 92 -23.65 13.79 0.46
C VAL A 92 -23.39 12.86 -0.72
N ARG A 93 -22.13 12.74 -1.16
CA ARG A 93 -21.82 11.91 -2.31
C ARG A 93 -22.05 10.43 -2.02
N ASP A 94 -21.48 9.94 -0.92
CA ASP A 94 -21.64 8.52 -0.58
C ASP A 94 -23.10 8.19 -0.28
N LYS A 95 -23.83 9.12 0.34
CA LYS A 95 -25.23 8.89 0.64
C LYS A 95 -26.06 8.75 -0.63
N LEU A 96 -25.84 9.65 -1.60
CA LEU A 96 -26.54 9.55 -2.87
C LEU A 96 -26.08 8.35 -3.69
N LEU A 97 -24.87 7.85 -3.43
CA LEU A 97 -24.33 6.71 -4.15
C LEU A 97 -24.72 5.37 -3.54
N GLY A 98 -25.50 5.38 -2.47
CA GLY A 98 -25.91 4.15 -1.81
C GLY A 98 -24.91 3.61 -0.81
N LYS A 99 -23.83 4.33 -0.53
CA LYS A 99 -22.87 3.94 0.48
C LYS A 99 -23.05 4.78 1.74
N GLU A 100 -22.17 4.58 2.71
CA GLU A 100 -22.20 5.31 3.97
C GLU A 100 -20.81 5.89 4.26
N SER A 101 -20.78 6.85 5.18
CA SER A 101 -19.54 7.52 5.54
C SER A 101 -19.62 7.97 6.99
N ASP A 102 -18.51 7.82 7.71
CA ASP A 102 -18.42 8.24 9.10
C ASP A 102 -17.93 9.68 9.27
N ASP A 103 -17.45 10.27 8.17
CA ASP A 103 -16.95 11.67 8.18
C ASP A 103 -18.14 12.63 8.04
N ILE A 104 -18.53 13.28 9.14
CA ILE A 104 -19.69 14.23 9.13
C ILE A 104 -19.14 15.66 9.13
N ASP A 105 -19.18 16.34 7.98
CA ASP A 105 -18.70 17.74 7.86
C ASP A 105 -19.90 18.69 7.89
N ILE A 106 -20.02 19.50 8.96
CA ILE A 106 -21.15 20.45 9.10
C ILE A 106 -20.62 21.88 8.94
N ALA A 107 -21.14 22.61 7.94
CA ALA A 107 -20.72 24.01 7.68
C ALA A 107 -21.73 24.97 8.32
N ILE A 108 -21.23 25.99 9.02
CA ILE A 108 -22.11 26.96 9.68
C ILE A 108 -22.24 28.18 8.80
N ASP A 109 -23.42 28.81 8.85
CA ASP A 109 -23.74 29.91 7.94
C ASP A 109 -23.25 31.29 8.39
N ASN A 110 -23.63 31.69 9.61
CA ASN A 110 -23.15 32.96 10.21
C ASN A 110 -22.47 32.87 11.58
N MET A 111 -21.81 31.74 11.85
CA MET A 111 -21.29 31.41 13.20
C MET A 111 -19.97 30.63 13.06
N SER A 112 -18.99 30.92 13.92
CA SER A 112 -17.67 30.24 13.87
C SER A 112 -17.80 28.81 14.39
N GLY A 113 -16.90 27.91 13.95
CA GLY A 113 -16.93 26.50 14.36
C GLY A 113 -17.05 26.37 15.88
N SER A 114 -16.20 27.07 16.62
CA SER A 114 -16.22 27.02 18.11
C SER A 114 -17.40 27.86 18.64
N GLU A 115 -17.77 28.91 17.91
CA GLU A 115 -18.89 29.81 18.32
C GLU A 115 -20.18 28.99 18.41
N PHE A 116 -20.42 28.11 17.43
CA PHE A 116 -21.64 27.26 17.40
C PHE A 116 -21.43 26.03 18.30
N LEU A 117 -20.17 25.71 18.60
CA LEU A 117 -19.82 24.55 19.44
C LEU A 117 -19.98 24.93 20.92
N ASP A 118 -20.01 26.23 21.22
CA ASP A 118 -20.17 26.73 22.61
C ASP A 118 -21.65 26.89 22.92
N LYS A 119 -22.52 26.70 21.92
CA LYS A 119 -23.99 26.83 22.11
C LYS A 119 -24.57 25.48 22.52
N PHE A 120 -24.17 24.98 23.70
CA PHE A 120 -24.66 23.67 24.22
C PHE A 120 -26.15 23.79 24.54
N LYS A 121 -26.92 22.78 24.14
CA LYS A 121 -28.39 22.76 24.39
C LYS A 121 -28.67 22.04 25.71
N GLU A 122 -28.44 22.70 26.84
CA GLU A 122 -28.68 22.10 28.15
C GLU A 122 -29.99 22.59 28.74
N TYR A 123 -30.45 21.91 29.79
CA TYR A 123 -31.69 22.27 30.47
C TYR A 123 -32.90 22.00 29.58
N LEU A 124 -32.81 20.94 28.78
CA LEU A 124 -33.90 20.56 27.88
C LEU A 124 -34.38 19.15 28.19
N SER A 125 -34.43 18.80 29.47
CA SER A 125 -34.88 17.48 29.90
C SER A 125 -34.24 16.39 29.03
N SER A 126 -32.95 16.53 28.77
CA SER A 126 -32.21 15.54 27.94
C SER A 126 -31.58 14.48 28.83
N ARG A 127 -30.84 13.53 28.23
CA ARG A 127 -30.18 12.44 29.01
C ARG A 127 -28.75 12.91 29.30
N ASP A 128 -28.61 13.89 30.21
CA ASP A 128 -27.28 14.39 30.63
C ASP A 128 -26.42 14.69 29.39
N GLU A 129 -26.90 15.59 28.53
CA GLU A 129 -26.16 15.97 27.29
C GLU A 129 -24.72 16.22 27.76
N GLU A 130 -23.77 15.43 27.25
CA GLU A 130 -22.34 15.57 27.64
C GLU A 130 -21.51 15.09 26.44
N VAL A 131 -20.66 15.98 25.89
CA VAL A 131 -19.81 15.63 24.73
C VAL A 131 -18.55 14.90 25.23
N GLN A 132 -17.82 14.27 24.31
CA GLN A 132 -16.58 13.51 24.68
C GLN A 132 -15.35 14.28 24.18
N GLY A 133 -15.54 15.22 23.26
CA GLY A 133 -14.43 15.99 22.72
C GLY A 133 -14.82 17.42 22.40
N ASP A 134 -13.84 18.32 22.41
CA ASP A 134 -14.08 19.73 22.12
C ASP A 134 -12.79 20.41 21.67
N THR A 135 -12.01 19.73 20.85
CA THR A 135 -10.76 20.27 20.35
C THR A 135 -10.99 21.38 19.33
N VAL A 136 -10.25 22.47 19.48
CA VAL A 136 -10.38 23.64 18.55
C VAL A 136 -9.01 23.89 17.89
N ILE A 137 -8.99 24.04 16.57
CA ILE A 137 -7.72 24.29 15.81
C ILE A 137 -7.69 25.75 15.36
N GLU A 138 -6.56 26.44 15.62
CA GLU A 138 -6.41 27.86 15.22
C GLU A 138 -5.50 27.96 13.99
N ARG A 139 -5.16 29.18 13.57
CA ARG A 139 -4.27 29.39 12.40
C ARG A 139 -3.77 30.84 12.39
N ASN A 140 -2.83 31.16 11.49
CA ASN A 140 -2.26 32.53 11.38
C ASN A 140 -2.11 32.84 9.88
N LEU A 147 -9.67 27.80 8.72
CA LEU A 147 -9.82 28.83 9.79
C LEU A 147 -10.21 28.13 11.10
N GLU A 148 -10.78 28.89 12.04
CA GLU A 148 -11.19 28.33 13.36
C GLU A 148 -12.16 27.17 13.12
N THR A 149 -11.70 25.94 13.37
CA THR A 149 -12.54 24.72 13.18
C THR A 149 -12.81 24.08 14.55
N ALA A 150 -14.08 23.77 14.83
CA ALA A 150 -14.47 23.14 16.12
C ALA A 150 -14.71 21.64 15.90
N LYS A 151 -14.50 20.84 16.95
CA LYS A 151 -14.70 19.36 16.87
C LYS A 151 -15.58 18.91 18.02
N LEU A 152 -16.63 18.13 17.72
CA LEU A 152 -17.57 17.63 18.77
C LEU A 152 -17.45 16.10 18.84
N ARG A 153 -17.98 15.49 19.91
CA ARG A 153 -17.97 14.02 20.05
C ARG A 153 -19.29 13.57 20.70
N ILE A 154 -20.22 13.06 19.89
CA ILE A 154 -21.55 12.59 20.39
C ILE A 154 -21.79 11.16 19.88
N TYR A 155 -22.29 10.27 20.75
CA TYR A 155 -22.58 8.87 20.38
C TYR A 155 -21.35 8.25 19.70
N ASP A 156 -20.17 8.48 20.27
CA ASP A 156 -18.90 7.93 19.71
C ASP A 156 -18.81 8.25 18.22
N GLN A 157 -18.97 9.53 17.87
CA GLN A 157 -18.90 9.98 16.44
C GLN A 157 -18.21 11.34 16.37
N TRP A 158 -17.09 11.41 15.64
CA TRP A 158 -16.32 12.67 15.49
C TRP A 158 -17.03 13.58 14.48
N ILE A 159 -17.66 14.66 14.96
CA ILE A 159 -18.39 15.62 14.07
C ILE A 159 -17.73 16.99 14.19
N ASP A 160 -17.00 17.42 13.14
CA ASP A 160 -16.32 18.73 13.13
C ASP A 160 -17.23 19.79 12.52
N PHE A 161 -17.34 20.96 13.17
CA PHE A 161 -18.20 22.06 12.67
C PHE A 161 -17.34 23.07 11.89
N VAL A 162 -17.29 22.91 10.56
CA VAL A 162 -16.50 23.83 9.68
C VAL A 162 -17.37 25.03 9.30
N ASN A 163 -16.76 26.21 9.21
CA ASN A 163 -17.50 27.46 8.85
C ASN A 163 -17.37 27.70 7.34
N LEU A 164 -18.49 27.97 6.67
CA LEU A 164 -18.49 28.23 5.21
C LEU A 164 -17.48 29.33 4.89
N ARG A 165 -16.40 28.98 4.17
CA ARG A 165 -15.35 29.96 3.80
C ARG A 165 -14.96 29.77 2.33
N SER A 166 -14.21 30.72 1.77
CA SER A 166 -13.76 30.63 0.35
C SER A 166 -12.24 30.52 0.29
N GLU A 167 -11.71 30.13 -0.88
CA GLU A 167 -10.24 29.98 -1.06
C GLU A 167 -9.73 31.08 -2.01
N GLU A 168 -8.61 31.71 -1.65
CA GLU A 168 -8.01 32.79 -2.48
C GLU A 168 -7.01 32.19 -3.46
N TYR A 169 -6.57 32.96 -4.45
CA TYR A 169 -5.59 32.48 -5.42
C TYR A 169 -4.20 33.02 -5.10
N THR A 170 -4.12 34.32 -4.87
CA THR A 170 -2.84 34.96 -4.54
C THR A 170 -2.35 34.50 -3.16
N GLU A 171 -1.50 33.48 -3.15
CA GLU A 171 -0.98 32.93 -1.87
C GLU A 171 0.22 32.02 -2.17
N ASN A 172 0.96 31.62 -1.13
CA ASN A 172 2.15 30.75 -1.30
C ASN A 172 1.83 29.25 -1.12
N SER A 173 0.58 28.87 -1.36
CA SER A 173 0.08 27.49 -1.07
C SER A 173 0.21 27.20 0.42
N ARG A 174 -0.30 28.11 1.26
CA ARG A 174 -0.27 27.95 2.75
C ARG A 174 -1.29 28.93 3.30
N ILE A 175 -2.27 28.42 4.05
CA ILE A 175 -3.35 29.29 4.66
C ILE A 175 -3.82 30.39 3.70
N PRO A 176 -4.15 30.07 2.44
CA PRO A 176 -4.63 31.08 1.49
C PRO A 176 -6.01 31.67 1.85
N THR A 177 -6.80 30.94 2.63
CA THR A 177 -8.15 31.39 3.05
C THR A 177 -8.04 32.79 3.68
N MET A 178 -8.86 33.73 3.21
CA MET A 178 -8.85 35.12 3.74
C MET A 178 -10.04 35.31 4.69
N LYS A 179 -11.24 34.95 4.23
CA LYS A 179 -12.48 35.09 5.05
C LYS A 179 -13.53 34.09 4.55
N PHE A 180 -14.76 34.19 5.08
CA PHE A 180 -15.85 33.28 4.69
C PHE A 180 -16.81 34.01 3.73
N GLY A 181 -17.46 33.26 2.84
CA GLY A 181 -18.40 33.86 1.86
C GLY A 181 -19.36 32.70 1.60
N THR A 182 -20.28 32.87 0.66
CA THR A 182 -21.58 32.16 0.52
C THR A 182 -21.32 30.68 0.21
N ALA A 183 -22.39 29.91 0.02
CA ALA A 183 -22.27 28.44 -0.20
C ALA A 183 -21.57 28.18 -1.55
N LYS A 184 -21.72 29.10 -2.50
CA LYS A 184 -21.09 28.96 -3.84
C LYS A 184 -19.57 28.99 -3.69
N ASP A 185 -19.06 29.84 -2.80
CA ASP A 185 -17.63 29.94 -2.57
C ASP A 185 -17.07 28.74 -1.82
N ASP A 186 -17.90 28.06 -1.05
CA ASP A 186 -17.49 26.83 -0.36
C ASP A 186 -17.69 25.59 -1.23
N ALA A 187 -18.42 25.71 -2.33
CA ALA A 187 -18.61 24.60 -3.27
C ALA A 187 -17.62 24.65 -4.42
N PHE A 188 -17.28 25.84 -4.92
CA PHE A 188 -16.34 25.96 -6.03
C PHE A 188 -14.89 25.85 -5.60
N ARG A 189 -14.62 25.79 -4.30
CA ARG A 189 -13.27 25.52 -3.81
C ARG A 189 -13.02 24.02 -3.61
N ARG A 190 -14.04 23.18 -3.82
CA ARG A 190 -13.87 21.75 -3.66
C ARG A 190 -13.07 21.17 -4.82
N ASP A 191 -12.45 20.01 -4.55
CA ASP A 191 -11.55 19.41 -5.52
C ASP A 191 -12.31 18.97 -6.77
N LEU A 192 -13.42 18.26 -6.60
CA LEU A 192 -14.19 17.73 -7.70
C LEU A 192 -15.63 18.19 -7.62
N THR A 193 -16.35 18.01 -8.73
CA THR A 193 -17.76 18.41 -8.78
C THR A 193 -18.66 17.46 -8.02
N ILE A 194 -18.23 16.21 -7.80
CA ILE A 194 -19.01 15.27 -7.00
C ILE A 194 -18.81 15.49 -5.51
N ASN A 195 -17.79 16.25 -5.12
CA ASN A 195 -17.54 16.59 -3.73
C ASN A 195 -17.95 18.02 -3.40
N SER A 196 -18.83 18.61 -4.21
CA SER A 196 -19.26 20.00 -4.02
C SER A 196 -20.76 20.09 -3.73
N LEU A 197 -21.36 19.02 -3.23
CA LEU A 197 -22.79 18.99 -2.95
C LEU A 197 -23.05 19.22 -1.47
N PHE A 198 -24.12 19.94 -1.16
CA PHE A 198 -24.52 20.21 0.21
C PHE A 198 -25.86 19.55 0.51
N TYR A 199 -26.03 19.15 1.77
CA TYR A 199 -27.31 18.67 2.28
C TYR A 199 -27.76 19.63 3.38
N ASN A 200 -28.63 20.57 3.03
CA ASN A 200 -29.13 21.55 3.98
C ASN A 200 -30.01 20.85 5.00
N ILE A 201 -29.45 20.54 6.18
CA ILE A 201 -30.22 19.87 7.22
C ILE A 201 -31.32 20.75 7.80
N ASN A 202 -31.33 22.04 7.46
CA ASN A 202 -32.44 22.90 7.86
C ASN A 202 -33.65 22.72 6.95
N SER A 203 -33.44 22.34 5.69
CA SER A 203 -34.52 22.10 4.75
C SER A 203 -34.56 20.67 4.24
N GLY A 204 -33.62 19.83 4.62
CA GLY A 204 -33.61 18.44 4.20
C GLY A 204 -33.46 18.23 2.71
N ALA A 205 -32.92 19.20 2.00
CA ALA A 205 -32.78 19.14 0.55
C ALA A 205 -31.32 19.07 0.15
N VAL A 206 -31.09 18.65 -1.09
CA VAL A 206 -29.75 18.57 -1.68
C VAL A 206 -29.55 19.78 -2.59
N GLU A 207 -28.39 20.42 -2.46
CA GLU A 207 -28.08 21.64 -3.22
C GLU A 207 -26.90 21.36 -4.14
N ASP A 208 -27.07 21.68 -5.42
CA ASP A 208 -26.04 21.48 -6.44
C ASP A 208 -25.70 22.85 -7.03
N LEU A 209 -24.90 23.62 -6.29
CA LEU A 209 -24.55 24.97 -6.73
C LEU A 209 -23.64 24.96 -7.95
N THR A 210 -22.91 23.87 -8.18
CA THR A 210 -22.11 23.75 -9.39
C THR A 210 -22.95 23.46 -10.63
N GLU A 211 -24.18 22.97 -10.44
CA GLU A 211 -25.08 22.61 -11.54
C GLU A 211 -24.46 21.57 -12.47
N ARG A 212 -23.44 20.86 -11.98
CA ARG A 212 -22.84 19.76 -12.71
C ARG A 212 -22.70 18.52 -11.85
N GLY A 213 -22.74 18.64 -10.52
CA GLY A 213 -22.47 17.51 -9.67
C GLY A 213 -23.48 16.37 -9.75
N ILE A 214 -24.77 16.71 -9.63
CA ILE A 214 -25.79 15.68 -9.69
C ILE A 214 -25.79 15.00 -11.06
N ASP A 215 -25.38 15.73 -12.10
CA ASP A 215 -25.29 15.13 -13.43
C ASP A 215 -24.01 14.31 -13.60
N ASP A 216 -22.89 14.80 -13.07
CA ASP A 216 -21.64 14.05 -13.14
C ASP A 216 -21.59 12.89 -12.15
N LEU A 217 -22.54 12.79 -11.23
CA LEU A 217 -22.63 11.64 -10.34
C LEU A 217 -23.57 10.58 -10.90
N LYS A 218 -24.65 10.99 -11.57
CA LYS A 218 -25.48 10.03 -12.28
C LYS A 218 -24.69 9.31 -13.36
N SER A 219 -23.74 10.00 -13.99
CA SER A 219 -22.77 9.38 -14.87
C SER A 219 -21.39 9.43 -14.21
N GLY A 220 -20.42 8.77 -14.82
CA GLY A 220 -19.12 8.59 -14.20
C GLY A 220 -18.20 9.60 -14.83
N LYS A 221 -17.93 10.70 -14.13
CA LYS A 221 -17.00 11.71 -14.64
C LYS A 221 -16.45 12.52 -13.48
N ILE A 222 -15.12 12.56 -13.36
CA ILE A 222 -14.45 13.43 -12.42
C ILE A 222 -14.22 14.77 -13.11
N VAL A 223 -14.73 15.84 -12.51
CA VAL A 223 -14.66 17.18 -13.10
C VAL A 223 -14.35 18.18 -11.99
N THR A 224 -13.44 19.12 -12.27
CA THR A 224 -13.16 20.19 -11.33
C THR A 224 -14.20 21.31 -11.50
N PRO A 225 -14.69 21.88 -10.39
CA PRO A 225 -15.67 22.98 -10.52
C PRO A 225 -15.18 24.15 -11.35
N LEU A 226 -14.03 24.71 -11.00
CA LEU A 226 -13.39 25.75 -11.80
C LEU A 226 -12.56 25.11 -12.91
N PRO A 227 -12.10 25.88 -13.89
CA PRO A 227 -11.24 25.33 -14.95
C PRO A 227 -10.07 24.54 -14.38
N ALA A 228 -9.75 23.42 -15.03
CA ALA A 228 -8.83 22.46 -14.46
C ALA A 228 -7.39 22.99 -14.45
N LYS A 229 -6.95 23.59 -15.56
CA LYS A 229 -5.56 24.00 -15.65
C LYS A 229 -5.24 25.11 -14.66
N ALA A 230 -6.14 26.08 -14.50
CA ALA A 230 -5.94 27.12 -13.49
C ALA A 230 -5.96 26.54 -12.09
N THR A 231 -6.77 25.49 -11.86
CA THR A 231 -6.83 24.86 -10.55
C THR A 231 -5.56 24.05 -10.29
N PHE A 232 -5.15 23.23 -11.27
CA PHE A 232 -3.99 22.38 -11.10
C PHE A 232 -2.67 23.14 -11.02
N LEU A 233 -2.68 24.45 -11.29
CA LEU A 233 -1.50 25.27 -11.08
C LEU A 233 -1.44 25.89 -9.69
N ASP A 234 -2.58 26.00 -9.00
CA ASP A 234 -2.60 26.47 -7.63
C ASP A 234 -2.41 25.32 -6.63
N ASP A 235 -3.04 24.17 -6.89
CA ASP A 235 -2.90 22.98 -6.06
C ASP A 235 -2.64 21.79 -6.98
N PRO A 236 -1.39 21.55 -7.36
CA PRO A 236 -1.10 20.44 -8.27
C PRO A 236 -1.37 19.07 -7.68
N LEU A 237 -1.49 18.95 -6.36
CA LEU A 237 -1.83 17.68 -5.76
C LEU A 237 -3.23 17.21 -6.16
N ARG A 238 -4.11 18.13 -6.55
CA ARG A 238 -5.45 17.75 -6.99
C ARG A 238 -5.41 16.86 -8.24
N VAL A 239 -4.30 16.85 -8.96
CA VAL A 239 -4.16 15.92 -10.08
C VAL A 239 -4.19 14.48 -9.58
N LEU A 240 -3.46 14.20 -8.51
CA LEU A 240 -3.46 12.86 -7.94
C LEU A 240 -4.75 12.55 -7.20
N ARG A 241 -5.40 13.58 -6.66
CA ARG A 241 -6.69 13.34 -5.99
C ARG A 241 -7.78 13.01 -6.99
N ALA A 242 -7.69 13.55 -8.22
CA ALA A 242 -8.65 13.20 -9.25
C ALA A 242 -8.48 11.75 -9.69
N VAL A 243 -7.23 11.30 -9.86
CA VAL A 243 -6.99 9.91 -10.22
C VAL A 243 -7.40 8.98 -9.10
N ARG A 244 -7.26 9.42 -7.84
CA ARG A 244 -7.64 8.57 -6.72
CA ARG A 244 -7.64 8.58 -6.71
C ARG A 244 -9.16 8.38 -6.66
N PHE A 245 -9.92 9.45 -6.89
CA PHE A 245 -11.38 9.34 -6.88
C PHE A 245 -11.93 8.81 -8.20
N GLY A 246 -11.17 8.91 -9.29
CA GLY A 246 -11.64 8.36 -10.56
C GLY A 246 -11.56 6.85 -10.60
N ALA A 247 -10.55 6.26 -9.97
CA ALA A 247 -10.40 4.82 -9.92
C ALA A 247 -11.12 4.17 -8.73
N ARG A 248 -11.35 4.93 -7.66
CA ARG A 248 -12.07 4.38 -6.51
C ARG A 248 -13.53 4.14 -6.87
N PHE A 249 -14.18 5.12 -7.50
CA PHE A 249 -15.57 5.01 -7.88
C PHE A 249 -15.77 4.49 -9.30
N GLY A 250 -14.69 4.20 -10.02
CA GLY A 250 -14.80 3.70 -11.37
C GLY A 250 -15.35 4.72 -12.36
N PHE A 251 -15.06 6.00 -12.15
CA PHE A 251 -15.54 7.06 -13.03
C PHE A 251 -14.44 7.47 -14.01
N THR A 252 -14.85 8.19 -15.04
CA THR A 252 -13.93 8.71 -16.04
C THR A 252 -13.42 10.09 -15.64
N LEU A 253 -12.48 10.61 -16.43
CA LEU A 253 -11.93 11.94 -16.21
C LEU A 253 -12.35 12.85 -17.35
N ASP A 254 -12.74 14.07 -17.01
CA ASP A 254 -13.15 15.04 -18.02
C ASP A 254 -12.01 15.33 -18.97
N GLU A 255 -12.36 15.60 -20.23
CA GLU A 255 -11.34 15.83 -21.25
C GLU A 255 -10.55 17.10 -20.99
N GLU A 256 -11.16 18.10 -20.38
CA GLU A 256 -10.39 19.28 -19.98
C GLU A 256 -9.52 19.01 -18.77
N LEU A 257 -9.83 17.96 -18.00
CA LEU A 257 -8.99 17.58 -16.88
C LEU A 257 -7.82 16.71 -17.33
N LYS A 258 -8.01 15.92 -18.39
CA LYS A 258 -6.91 15.14 -18.93
C LYS A 258 -5.92 16.03 -19.67
N GLU A 259 -6.43 16.95 -20.50
CA GLU A 259 -5.57 17.84 -21.26
C GLU A 259 -4.79 18.80 -20.36
N ALA A 260 -5.29 19.04 -19.15
CA ALA A 260 -4.59 19.89 -18.19
C ALA A 260 -3.55 19.13 -17.38
N ALA A 261 -3.91 17.92 -16.92
CA ALA A 261 -2.97 17.12 -16.16
C ALA A 261 -1.78 16.67 -17.00
N SER A 262 -1.99 16.48 -18.30
CA SER A 262 -0.93 16.03 -19.20
C SER A 262 -0.04 17.17 -19.69
N SER A 263 -0.27 18.40 -19.24
CA SER A 263 0.51 19.53 -19.69
C SER A 263 1.87 19.54 -19.01
N GLU A 264 2.86 20.09 -19.72
CA GLU A 264 4.21 20.19 -19.15
C GLU A 264 4.24 21.12 -17.96
N GLU A 265 3.37 22.14 -17.98
CA GLU A 265 3.29 23.14 -16.88
C GLU A 265 2.81 22.45 -15.60
N VAL A 266 1.71 21.70 -15.69
CA VAL A 266 1.14 20.98 -14.50
C VAL A 266 2.11 19.86 -14.09
N ARG A 267 2.70 19.17 -15.05
CA ARG A 267 3.64 18.09 -14.72
C ARG A 267 4.87 18.70 -14.03
N VAL A 268 5.33 19.84 -14.51
CA VAL A 268 6.54 20.49 -13.92
C VAL A 268 6.16 21.11 -12.56
N ALA A 269 4.87 21.35 -12.35
CA ALA A 269 4.38 21.95 -11.08
C ALA A 269 4.04 20.84 -10.08
N LEU A 270 4.12 19.58 -10.52
CA LEU A 270 3.82 18.41 -9.64
C LEU A 270 5.13 17.83 -9.10
N GLY A 271 6.21 17.93 -9.88
CA GLY A 271 7.52 17.40 -9.47
C GLY A 271 8.33 18.43 -8.70
N GLU A 272 7.91 19.70 -8.74
CA GLU A 272 8.61 20.80 -8.02
C GLU A 272 7.64 21.50 -7.08
N LYS A 273 8.14 22.04 -5.97
CA LYS A 273 7.31 22.77 -4.98
C LYS A 273 6.10 21.91 -4.59
N ILE A 274 6.34 20.64 -4.23
CA ILE A 274 5.24 19.71 -3.83
C ILE A 274 5.81 18.64 -2.90
N SER A 275 5.39 18.66 -1.63
CA SER A 275 5.87 17.67 -0.63
C SER A 275 5.73 16.25 -1.18
N ARG A 276 6.82 15.48 -1.16
CA ARG A 276 6.80 14.08 -1.68
C ARG A 276 5.96 13.21 -0.75
N GLU A 277 5.97 13.51 0.55
CA GLU A 277 5.18 12.75 1.56
C GLU A 277 3.72 12.67 1.11
N ARG A 278 3.17 13.80 0.66
CA ARG A 278 1.78 13.84 0.20
C ARG A 278 1.61 13.17 -1.16
N ILE A 279 2.63 13.22 -2.00
CA ILE A 279 2.57 12.47 -3.26
C ILE A 279 2.49 10.98 -2.98
N GLY A 280 3.36 10.48 -2.10
CA GLY A 280 3.30 9.08 -1.72
C GLY A 280 2.04 8.73 -0.96
N ASN A 281 1.49 9.69 -0.21
CA ASN A 281 0.26 9.43 0.53
C ASN A 281 -0.92 9.19 -0.41
N GLU A 282 -0.94 9.86 -1.56
CA GLU A 282 -2.01 9.62 -2.53
C GLU A 282 -1.81 8.28 -3.23
N ILE A 283 -0.56 7.92 -3.55
CA ILE A 283 -0.31 6.69 -4.29
C ILE A 283 -0.62 5.47 -3.43
N ASP A 284 -0.36 5.55 -2.12
CA ASP A 284 -0.73 4.46 -1.23
C ASP A 284 -2.23 4.27 -1.18
N LEU A 285 -3.01 5.36 -1.24
CA LEU A 285 -4.46 5.24 -1.27
C LEU A 285 -4.97 4.65 -2.57
N MET A 286 -4.19 4.73 -3.65
CA MET A 286 -4.58 4.11 -4.92
C MET A 286 -4.31 2.61 -4.90
N ILE A 287 -3.10 2.23 -4.52
CA ILE A 287 -2.73 0.82 -4.47
C ILE A 287 -3.46 0.10 -3.34
N SER A 288 -3.90 0.86 -2.34
CA SER A 288 -4.61 0.29 -1.21
C SER A 288 -6.09 0.67 -1.24
N GLY A 289 -6.66 0.71 -2.44
CA GLY A 289 -8.06 1.04 -2.62
C GLY A 289 -8.76 0.03 -3.52
N ASN A 290 -9.92 0.41 -4.03
CA ASN A 290 -10.69 -0.46 -4.92
C ASN A 290 -9.84 -0.94 -6.11
N GLY A 291 -9.96 -0.25 -7.23
CA GLY A 291 -9.20 -0.59 -8.42
C GLY A 291 -7.95 0.28 -8.54
N PRO A 292 -6.80 -0.30 -8.26
CA PRO A 292 -5.54 0.45 -8.30
C PRO A 292 -5.07 0.41 -9.77
N VAL A 293 -5.44 -0.64 -10.49
CA VAL A 293 -5.04 -0.80 -11.92
C VAL A 293 -5.44 0.47 -12.69
N SER A 294 -6.71 0.89 -12.53
CA SER A 294 -7.21 2.11 -13.22
C SER A 294 -6.34 3.32 -12.85
N ALA A 295 -6.03 3.48 -11.56
CA ALA A 295 -5.20 4.62 -11.09
C ALA A 295 -3.85 4.58 -11.81
N VAL A 296 -3.21 3.41 -11.87
CA VAL A 296 -1.89 3.24 -12.55
C VAL A 296 -2.06 3.52 -14.05
N THR A 297 -3.17 3.06 -14.62
CA THR A 297 -3.46 3.25 -16.08
C THR A 297 -3.53 4.75 -16.38
N TYR A 298 -4.19 5.52 -15.50
CA TYR A 298 -4.31 6.99 -15.69
C TYR A 298 -2.95 7.66 -15.47
N LEU A 299 -2.13 7.08 -14.59
CA LEU A 299 -0.79 7.62 -14.27
C LEU A 299 0.10 7.53 -15.52
N SER A 300 0.02 6.42 -16.26
CA SER A 300 0.84 6.23 -17.45
C SER A 300 0.27 7.02 -18.63
N ASP A 301 -1.06 7.11 -18.72
CA ASP A 301 -1.68 7.85 -19.82
C ASP A 301 -1.35 9.34 -19.72
N LEU A 302 -1.52 9.92 -18.54
CA LEU A 302 -1.29 11.34 -18.33
C LEU A 302 0.19 11.68 -18.16
N LYS A 303 1.09 10.72 -18.40
CA LYS A 303 2.53 10.94 -18.31
C LYS A 303 2.97 11.39 -16.93
N LEU A 304 2.26 10.93 -15.90
CA LEU A 304 2.60 11.23 -14.51
C LEU A 304 3.39 10.11 -13.84
N PHE A 305 3.54 8.96 -14.49
CA PHE A 305 4.26 7.84 -13.91
C PHE A 305 5.74 8.16 -13.71
N SER A 306 6.29 9.06 -14.53
CA SER A 306 7.69 9.44 -14.44
C SER A 306 7.92 10.58 -13.45
N VAL A 307 6.87 11.28 -13.02
CA VAL A 307 7.01 12.40 -12.09
C VAL A 307 6.73 11.90 -10.68
N VAL A 308 5.80 10.96 -10.56
CA VAL A 308 5.51 10.36 -9.26
C VAL A 308 6.60 9.38 -8.85
N PHE A 309 6.88 8.40 -9.72
CA PHE A 309 7.97 7.46 -9.52
C PHE A 309 9.15 7.95 -10.33
N ALA A 310 9.94 8.85 -9.74
CA ALA A 310 11.09 9.44 -10.42
C ALA A 310 12.34 8.63 -10.10
N LEU A 311 13.04 8.22 -11.15
CA LEU A 311 14.26 7.45 -10.96
C LEU A 311 15.45 8.38 -10.65
N PRO A 312 16.43 7.90 -9.90
CA PRO A 312 17.64 8.69 -9.67
C PRO A 312 18.41 8.90 -10.96
N SER A 313 19.22 9.97 -10.96
CA SER A 313 19.98 10.32 -12.16
C SER A 313 20.96 9.21 -12.52
N SER A 314 21.67 8.67 -11.53
CA SER A 314 22.65 7.61 -11.77
C SER A 314 21.96 6.24 -11.74
N ALA A 315 21.07 6.04 -12.70
CA ALA A 315 20.30 4.80 -12.82
C ALA A 315 20.96 3.93 -13.89
N GLU A 316 21.60 2.86 -13.46
CA GLU A 316 22.28 1.93 -14.36
C GLU A 316 21.75 0.53 -14.08
N PRO A 317 21.17 -0.17 -15.08
CA PRO A 317 21.01 0.31 -16.46
C PRO A 317 19.92 1.37 -16.60
N SER A 318 19.98 2.14 -17.68
CA SER A 318 19.04 3.22 -17.96
C SER A 318 17.61 2.70 -17.94
N PRO A 319 16.64 3.50 -17.51
CA PRO A 319 15.24 3.05 -17.50
C PRO A 319 14.78 2.65 -18.89
N PRO A 320 14.38 1.39 -19.07
CA PRO A 320 13.91 0.94 -20.38
C PRO A 320 12.69 1.73 -20.83
N GLU A 321 12.52 1.83 -22.14
CA GLU A 321 11.42 2.61 -22.69
C GLU A 321 10.10 1.90 -22.44
N ASN A 322 9.06 2.69 -22.13
CA ASN A 322 7.72 2.18 -21.86
C ASN A 322 7.70 1.23 -20.67
N CYS A 323 8.23 1.71 -19.54
CA CYS A 323 8.18 0.93 -18.31
C CYS A 323 6.77 0.89 -17.72
N GLY A 324 5.91 1.83 -18.10
CA GLY A 324 4.54 1.79 -17.64
C GLY A 324 3.74 0.65 -18.26
N SER A 325 4.13 0.24 -19.49
CA SER A 325 3.45 -0.89 -20.12
C SER A 325 3.79 -2.20 -19.44
N LEU A 326 5.01 -2.34 -18.93
CA LEU A 326 5.38 -3.55 -18.21
C LEU A 326 4.86 -3.53 -16.77
N SER A 327 4.68 -2.33 -16.20
CA SER A 327 4.16 -2.24 -14.83
C SER A 327 2.68 -2.60 -14.78
N GLN A 328 1.89 -2.08 -15.72
CA GLN A 328 0.46 -2.38 -15.72
C GLN A 328 0.20 -3.87 -15.93
N SER A 329 0.95 -4.49 -16.85
CA SER A 329 0.75 -5.92 -17.10
C SER A 329 1.04 -6.75 -15.86
N TYR A 330 2.13 -6.42 -15.14
CA TYR A 330 2.40 -7.11 -13.89
C TYR A 330 1.38 -6.74 -12.82
N LEU A 331 0.97 -5.47 -12.82
CA LEU A 331 -0.03 -4.96 -11.84
C LEU A 331 -1.36 -5.71 -12.02
N GLU A 332 -1.82 -5.83 -13.27
CA GLU A 332 -3.09 -6.52 -13.58
C GLU A 332 -2.99 -8.00 -13.19
N ALA A 333 -1.84 -8.63 -13.48
CA ALA A 333 -1.62 -10.05 -13.15
C ALA A 333 -1.59 -10.23 -11.62
N MET A 334 -0.84 -9.37 -10.93
CA MET A 334 -0.72 -9.45 -9.45
C MET A 334 -2.09 -9.18 -8.81
N TRP A 335 -2.87 -8.27 -9.38
CA TRP A 335 -4.22 -7.92 -8.85
C TRP A 335 -5.19 -9.08 -9.09
N SER A 336 -4.96 -9.84 -10.17
CA SER A 336 -5.84 -10.99 -10.51
C SER A 336 -5.32 -12.28 -9.86
N LEU A 337 -4.20 -12.17 -9.13
CA LEU A 337 -3.59 -13.35 -8.45
C LEU A 337 -3.74 -13.20 -6.94
N LEU A 338 -4.50 -12.19 -6.50
CA LEU A 338 -4.72 -11.94 -5.05
C LEU A 338 -6.20 -11.63 -4.80
N LYS A 339 -7.07 -12.00 -5.74
CA LYS A 339 -8.51 -11.78 -5.61
C LYS A 339 -9.31 -12.96 -6.15
N THR A 340 -8.66 -14.12 -6.22
CA THR A 340 -9.30 -15.36 -6.73
C THR A 340 -9.90 -16.18 -5.58
N PRO A 341 -9.09 -16.65 -4.61
CA PRO A 341 -9.62 -17.43 -3.48
C PRO A 341 -10.38 -16.55 -2.48
N ARG A 342 -9.92 -15.32 -2.27
CA ARG A 342 -10.56 -14.37 -1.33
C ARG A 342 -10.77 -15.06 0.03
N PRO A 343 -9.70 -15.53 0.70
CA PRO A 343 -9.84 -16.19 2.00
C PRO A 343 -10.09 -15.18 3.14
N GLY A 344 -9.56 -13.96 2.98
CA GLY A 344 -9.72 -12.91 3.99
C GLY A 344 -8.58 -12.90 4.99
N LYS A 345 -7.59 -13.79 4.80
CA LYS A 345 -6.42 -13.89 5.71
C LYS A 345 -5.23 -13.15 5.08
N PHE A 346 -5.51 -12.21 4.17
CA PHE A 346 -4.44 -11.43 3.50
C PHE A 346 -4.44 -9.99 4.03
N SER A 347 -3.50 -9.68 4.92
CA SER A 347 -3.39 -8.32 5.51
C SER A 347 -3.20 -7.29 4.40
N GLY A 348 -3.90 -6.15 4.50
CA GLY A 348 -3.81 -5.08 3.49
C GLY A 348 -2.36 -4.72 3.17
N GLU A 349 -1.54 -4.50 4.21
CA GLU A 349 -0.11 -4.14 4.02
C GLU A 349 0.56 -5.17 3.10
N GLN A 350 0.39 -6.45 3.41
CA GLN A 350 1.00 -7.55 2.60
C GLN A 350 0.56 -7.40 1.13
N ARG A 351 -0.75 -7.22 0.91
CA ARG A 351 -1.31 -7.08 -0.47
C ARG A 351 -0.83 -5.75 -1.07
N ARG A 352 -0.74 -4.70 -0.24
CA ARG A 352 -0.30 -3.35 -0.72
C ARG A 352 1.14 -3.43 -1.20
N LEU A 353 2.00 -4.14 -0.45
CA LEU A 353 3.44 -4.28 -0.80
C LEU A 353 3.58 -5.17 -2.05
N ALA A 354 2.66 -6.13 -2.21
CA ALA A 354 2.70 -7.04 -3.35
C ALA A 354 2.48 -6.29 -4.66
N LEU A 355 1.52 -5.36 -4.67
CA LEU A 355 1.25 -4.60 -5.89
C LEU A 355 2.41 -3.69 -6.24
N TYR A 356 3.09 -3.13 -5.24
CA TYR A 356 4.29 -2.33 -5.52
C TYR A 356 5.41 -3.19 -6.08
N ALA A 357 5.54 -4.43 -5.59
CA ALA A 357 6.61 -5.30 -6.06
C ALA A 357 6.42 -5.66 -7.53
N ALA A 358 5.20 -6.04 -7.91
CA ALA A 358 4.92 -6.36 -9.30
C ALA A 358 5.02 -5.11 -10.18
N MET A 359 4.55 -3.97 -9.67
CA MET A 359 4.60 -2.74 -10.44
C MET A 359 6.03 -2.32 -10.71
N PHE A 360 6.92 -2.50 -9.74
CA PHE A 360 8.33 -2.14 -9.88
C PHE A 360 9.21 -3.33 -10.24
N LEU A 361 8.60 -4.42 -10.70
CA LEU A 361 9.37 -5.59 -11.11
C LEU A 361 10.35 -5.29 -12.24
N PRO A 362 10.05 -4.45 -13.23
CA PRO A 362 11.08 -4.11 -14.23
C PRO A 362 12.28 -3.38 -13.64
N PHE A 363 12.13 -2.69 -12.50
CA PHE A 363 13.24 -2.00 -11.86
C PHE A 363 13.95 -2.88 -10.82
N ARG A 364 13.88 -4.20 -10.98
CA ARG A 364 14.45 -5.11 -9.99
C ARG A 364 15.96 -5.22 -10.12
N LYS A 365 16.48 -5.21 -11.33
CA LYS A 365 17.92 -5.38 -11.57
C LYS A 365 18.66 -4.06 -11.72
N THR A 366 17.95 -2.93 -11.79
CA THR A 366 18.60 -1.63 -11.91
C THR A 366 18.93 -1.09 -10.54
N VAL A 367 20.09 -0.45 -10.42
CA VAL A 367 20.59 0.06 -9.15
C VAL A 367 21.07 1.48 -9.36
N TYR A 368 21.45 2.12 -8.24
CA TYR A 368 22.01 3.46 -8.26
C TYR A 368 23.08 3.56 -7.19
N LYS A 369 24.00 4.50 -7.38
CA LYS A 369 25.11 4.70 -6.47
C LYS A 369 24.86 5.95 -5.63
N ASP A 370 24.90 5.78 -4.31
CA ASP A 370 24.71 6.89 -3.39
C ASP A 370 26.05 7.56 -3.10
N THR A 371 26.07 8.49 -2.13
CA THR A 371 27.27 9.26 -1.81
C THR A 371 28.41 8.40 -1.27
N LYS A 372 28.17 7.11 -1.02
CA LYS A 372 29.20 6.21 -0.53
C LYS A 372 29.67 5.24 -1.61
N GLY A 373 29.20 5.40 -2.85
CA GLY A 373 29.62 4.58 -3.96
C GLY A 373 29.15 3.14 -3.88
N LYS A 374 28.19 2.82 -3.02
CA LYS A 374 27.62 1.49 -2.96
C LYS A 374 26.41 1.44 -3.88
N SER A 375 26.39 0.45 -4.77
CA SER A 375 25.26 0.27 -5.68
C SER A 375 24.02 -0.16 -4.88
N ILE A 376 23.09 0.76 -4.71
CA ILE A 376 21.85 0.50 -3.98
C ILE A 376 20.75 0.28 -5.01
N PRO A 377 19.86 -0.71 -4.81
CA PRO A 377 18.77 -0.91 -5.76
C PRO A 377 17.93 0.35 -5.95
N VAL A 378 17.43 0.51 -7.17
CA VAL A 378 16.69 1.72 -7.53
C VAL A 378 15.39 1.82 -6.75
N VAL A 379 14.82 0.68 -6.33
CA VAL A 379 13.57 0.68 -5.59
C VAL A 379 13.69 1.44 -4.28
N ASN A 380 14.92 1.66 -3.80
CA ASN A 380 15.12 2.44 -2.59
C ASN A 380 14.91 3.94 -2.85
N HIS A 381 15.32 4.41 -4.03
CA HIS A 381 15.18 5.83 -4.33
C HIS A 381 13.73 6.23 -4.58
N ILE A 382 12.90 5.29 -5.05
CA ILE A 382 11.50 5.60 -5.31
C ILE A 382 10.72 5.68 -4.01
N PHE A 383 10.98 4.77 -3.07
CA PHE A 383 10.20 4.72 -1.83
C PHE A 383 10.67 5.77 -0.82
N LYS A 384 11.98 5.96 -0.70
CA LYS A 384 12.52 6.85 0.33
C LYS A 384 12.60 8.30 -0.13
N PHE A 385 12.75 8.55 -1.43
CA PHE A 385 12.99 9.89 -1.92
C PHE A 385 11.92 10.40 -2.88
N SER A 386 11.21 9.53 -3.58
CA SER A 386 10.17 9.97 -4.50
C SER A 386 8.78 9.92 -3.90
N MET A 387 8.57 9.11 -2.85
CA MET A 387 7.28 8.98 -2.19
C MET A 387 7.34 9.23 -0.70
N LYS A 388 8.53 9.28 -0.10
CA LYS A 388 8.70 9.47 1.34
C LYS A 388 7.87 8.45 2.12
N ARG A 389 8.11 7.18 1.84
CA ARG A 389 7.41 6.09 2.49
C ARG A 389 8.23 5.56 3.66
N LYS A 390 7.61 4.66 4.42
CA LYS A 390 8.31 4.02 5.53
C LYS A 390 9.48 3.20 5.00
N THR A 391 10.55 3.16 5.79
CA THR A 391 11.72 2.38 5.41
C THR A 391 11.43 0.88 5.39
N SER A 392 10.41 0.43 6.13
CA SER A 392 10.04 -0.98 6.08
C SER A 392 9.42 -1.34 4.73
N ASP A 393 8.72 -0.39 4.11
CA ASP A 393 8.16 -0.65 2.78
C ASP A 393 9.26 -0.77 1.74
N ALA A 394 10.29 0.07 1.83
CA ALA A 394 11.36 0.04 0.84
C ALA A 394 12.16 -1.26 0.93
N GLU A 395 12.41 -1.74 2.14
CA GLU A 395 13.20 -2.96 2.31
C GLU A 395 12.39 -4.21 2.00
N THR A 396 11.10 -4.22 2.36
CA THR A 396 10.28 -5.40 2.10
C THR A 396 10.09 -5.63 0.61
N VAL A 397 9.94 -4.55 -0.17
CA VAL A 397 9.84 -4.70 -1.61
C VAL A 397 11.15 -5.20 -2.19
N MET A 398 12.28 -4.69 -1.69
CA MET A 398 13.58 -5.14 -2.16
C MET A 398 13.83 -6.59 -1.82
N ASN A 399 13.33 -7.07 -0.67
CA ASN A 399 13.48 -8.48 -0.33
C ASN A 399 12.67 -9.36 -1.28
N ILE A 400 11.47 -8.91 -1.67
CA ILE A 400 10.65 -9.69 -2.59
C ILE A 400 11.33 -9.81 -3.94
N HIS A 401 11.97 -8.74 -4.42
CA HIS A 401 12.59 -8.77 -5.73
C HIS A 401 13.83 -9.66 -5.73
N GLN A 402 14.59 -9.68 -4.63
CA GLN A 402 15.80 -10.49 -4.58
C GLN A 402 15.49 -11.97 -4.39
N THR A 403 14.54 -12.29 -3.52
CA THR A 403 14.14 -13.67 -3.29
C THR A 403 13.18 -14.18 -4.34
N THR A 404 13.01 -13.47 -5.46
CA THR A 404 12.11 -13.92 -6.51
C THR A 404 12.81 -14.89 -7.46
N GLU A 405 13.97 -14.48 -7.99
CA GLU A 405 14.72 -15.37 -8.88
C GLU A 405 15.17 -16.63 -8.17
N ARG A 406 15.41 -16.56 -6.86
CA ARG A 406 15.80 -17.76 -6.13
C ARG A 406 14.62 -18.68 -5.88
N PHE A 407 13.40 -18.13 -5.89
CA PHE A 407 12.20 -18.95 -5.76
C PHE A 407 11.81 -19.58 -7.10
N ARG A 408 12.07 -18.88 -8.21
CA ARG A 408 11.74 -19.41 -9.52
C ARG A 408 12.55 -20.64 -9.87
N SER A 409 13.73 -20.81 -9.29
CA SER A 409 14.55 -21.98 -9.55
C SER A 409 14.13 -23.19 -8.72
N LEU A 410 13.39 -22.98 -7.64
CA LEU A 410 12.94 -24.08 -6.79
C LEU A 410 11.56 -24.59 -7.14
N ILE A 411 10.84 -23.87 -8.01
CA ILE A 411 9.47 -24.28 -8.37
C ILE A 411 9.45 -25.62 -9.11
N PRO A 412 10.25 -25.84 -10.17
CA PRO A 412 10.20 -27.15 -10.85
C PRO A 412 10.56 -28.33 -9.96
N SER A 413 11.15 -28.08 -8.78
CA SER A 413 11.40 -29.14 -7.82
C SER A 413 10.33 -29.26 -6.76
N LEU A 414 9.58 -28.19 -6.50
CA LEU A 414 8.51 -28.19 -5.51
C LEU A 414 7.17 -28.66 -6.05
N GLU A 415 7.10 -28.97 -7.36
CA GLU A 415 5.87 -29.47 -7.95
C GLU A 415 5.82 -30.99 -8.01
N VAL A 416 6.92 -31.67 -7.77
CA VAL A 416 6.97 -33.13 -7.82
C VAL A 416 7.60 -33.66 -6.53
N LYS A 417 8.08 -32.74 -5.69
CA LYS A 417 8.74 -33.07 -4.43
C LYS A 417 9.94 -34.00 -4.66
N LYS A 418 10.84 -33.53 -5.52
CA LYS A 418 12.04 -34.30 -5.87
C LYS A 418 13.14 -33.34 -6.29
N ASP A 419 14.37 -33.85 -6.27
CA ASP A 419 15.54 -33.07 -6.68
C ASP A 419 15.52 -32.93 -8.19
N VAL A 420 15.03 -31.78 -8.67
CA VAL A 420 14.96 -31.53 -10.11
C VAL A 420 15.95 -30.44 -10.49
N GLU A 421 17.18 -30.83 -10.75
CA GLU A 421 18.21 -29.89 -11.16
C GLU A 421 18.44 -28.80 -10.12
N LEU A 422 18.79 -29.20 -8.91
CA LEU A 422 19.08 -28.26 -7.83
C LEU A 422 20.57 -28.11 -7.54
N ASP A 423 21.42 -28.93 -8.17
CA ASP A 423 22.85 -28.87 -7.93
C ASP A 423 23.54 -27.76 -8.70
N GLU A 424 22.93 -27.27 -9.79
CA GLU A 424 23.51 -26.22 -10.60
C GLU A 424 22.96 -24.84 -10.28
N LEU A 425 22.22 -24.72 -9.18
CA LEU A 425 21.73 -23.40 -8.77
C LEU A 425 22.89 -22.58 -8.23
N THR A 426 23.16 -21.44 -8.88
CA THR A 426 24.33 -20.64 -8.53
C THR A 426 24.15 -19.95 -7.18
N TRP A 427 22.92 -19.67 -6.78
CA TRP A 427 22.70 -18.95 -5.53
C TRP A 427 22.79 -19.85 -4.30
N ALA A 428 22.69 -21.17 -4.47
CA ALA A 428 22.73 -22.11 -3.36
C ALA A 428 23.99 -22.96 -3.36
N ALA A 429 25.03 -22.53 -4.09
CA ALA A 429 26.26 -23.30 -4.16
C ALA A 429 26.91 -23.45 -2.78
N ASP A 430 26.66 -22.50 -1.88
CA ASP A 430 27.22 -22.58 -0.54
C ASP A 430 26.42 -23.53 0.35
N ILE A 431 25.11 -23.58 0.17
CA ILE A 431 24.28 -24.46 0.98
C ILE A 431 24.43 -25.91 0.55
N LEU A 432 24.54 -26.15 -0.76
CA LEU A 432 24.75 -27.51 -1.25
C LEU A 432 26.08 -28.08 -0.75
N GLU A 433 27.13 -27.25 -0.74
CA GLU A 433 28.41 -27.69 -0.19
C GLU A 433 28.27 -28.09 1.27
N HIS A 434 27.40 -27.39 2.02
CA HIS A 434 27.09 -27.83 3.37
C HIS A 434 26.30 -29.13 3.36
N TRP A 435 25.43 -29.32 2.37
CA TRP A 435 24.59 -30.50 2.33
C TRP A 435 25.33 -31.72 1.82
N LYS A 436 26.20 -31.54 0.81
CA LYS A 436 26.94 -32.68 0.28
C LYS A 436 27.94 -33.23 1.29
N SER A 437 28.43 -32.39 2.20
CA SER A 437 29.41 -32.83 3.17
C SER A 437 28.78 -33.58 4.34
N ILE A 438 27.54 -33.22 4.71
CA ILE A 438 26.88 -33.91 5.81
C ILE A 438 26.28 -35.23 5.33
N THR A 439 25.61 -35.21 4.17
CA THR A 439 24.94 -36.38 3.64
C THR A 439 25.89 -37.33 2.92
N LEU A 440 27.20 -37.21 3.14
CA LEU A 440 28.15 -38.10 2.47
C LEU A 440 28.21 -39.46 3.17
N ASN A 441 28.12 -39.47 4.50
CA ASN A 441 28.14 -40.70 5.28
C ASN A 441 26.75 -41.27 5.51
N ASP A 442 25.73 -40.75 4.83
CA ASP A 442 24.37 -41.26 5.00
C ASP A 442 24.12 -42.40 4.03
N PRO A 443 23.62 -43.55 4.50
CA PRO A 443 23.37 -44.68 3.60
C PRO A 443 22.34 -44.38 2.54
N VAL A 444 21.11 -44.07 2.97
CA VAL A 444 20.02 -43.74 2.07
C VAL A 444 19.33 -42.49 2.60
N ILE A 445 19.26 -41.45 1.77
CA ILE A 445 18.65 -40.18 2.14
C ILE A 445 17.45 -39.90 1.25
N PRO A 446 16.40 -39.28 1.75
CA PRO A 446 15.22 -39.00 0.91
C PRO A 446 15.52 -37.91 -0.11
N ALA A 447 14.69 -37.88 -1.15
CA ALA A 447 14.83 -36.89 -2.20
C ALA A 447 14.21 -35.54 -1.85
N THR A 448 13.62 -35.42 -0.66
CA THR A 448 13.01 -34.16 -0.25
C THR A 448 13.88 -33.36 0.72
N SER A 449 14.88 -33.98 1.34
CA SER A 449 15.75 -33.24 2.25
C SER A 449 16.57 -32.20 1.50
N LYS A 450 16.86 -32.43 0.23
CA LYS A 450 17.58 -31.43 -0.56
C LYS A 450 16.74 -30.18 -0.74
N ILE A 451 15.51 -30.33 -1.24
CA ILE A 451 14.67 -29.16 -1.50
C ILE A 451 14.18 -28.54 -0.20
N ARG A 452 14.04 -29.35 0.87
CA ARG A 452 13.60 -28.79 2.14
C ARG A 452 14.66 -27.86 2.73
N VAL A 453 15.94 -28.22 2.57
CA VAL A 453 17.02 -27.37 3.07
C VAL A 453 17.07 -26.06 2.29
N LEU A 454 17.06 -26.15 0.96
CA LEU A 454 17.14 -24.95 0.14
C LEU A 454 15.93 -24.06 0.35
N THR A 455 14.73 -24.64 0.38
CA THR A 455 13.53 -23.85 0.65
C THR A 455 13.52 -23.33 2.08
N GLY A 456 14.02 -24.17 3.00
CA GLY A 456 14.09 -23.80 4.43
C GLY A 456 15.10 -22.69 4.68
N PHE A 457 15.84 -22.30 3.64
CA PHE A 457 16.87 -21.23 3.75
C PHE A 457 16.33 -19.94 3.11
N LEU A 458 15.50 -20.09 2.07
CA LEU A 458 14.92 -18.91 1.37
C LEU A 458 13.65 -18.46 2.10
N LEU A 459 13.15 -19.29 3.01
CA LEU A 459 11.93 -18.96 3.80
C LEU A 459 12.33 -18.26 5.10
N ARG A 460 13.63 -18.14 5.34
CA ARG A 460 14.16 -17.47 6.57
C ARG A 460 14.64 -16.07 6.23
N ASP A 461 14.66 -15.73 4.94
CA ASP A 461 15.12 -14.39 4.48
C ASP A 461 13.89 -13.52 4.15
N ILE A 462 12.82 -14.16 3.66
CA ILE A 462 11.56 -13.43 3.31
C ILE A 462 10.61 -13.46 4.51
N LYS A 463 11.07 -14.00 5.64
CA LYS A 463 10.24 -14.11 6.89
C LYS A 463 8.93 -14.68 6.34
N ASP A 464 7.82 -13.94 6.52
CA ASP A 464 6.45 -14.45 6.20
C ASP A 464 5.98 -13.79 4.89
N PHE A 465 6.90 -13.29 4.07
CA PHE A 465 6.54 -12.64 2.78
C PHE A 465 6.78 -13.62 1.63
N TRP A 466 6.80 -14.92 1.94
CA TRP A 466 7.02 -15.99 0.93
C TRP A 466 5.74 -16.20 0.12
N ARG A 467 4.58 -15.85 0.70
CA ARG A 467 3.28 -16.01 0.02
C ARG A 467 3.13 -14.93 -1.05
N VAL A 468 3.83 -13.80 -0.87
CA VAL A 468 3.76 -12.66 -1.85
C VAL A 468 4.93 -12.79 -2.82
N SER A 469 6.05 -13.35 -2.36
CA SER A 469 7.26 -13.53 -3.20
C SER A 469 7.03 -14.64 -4.23
N LEU A 470 6.32 -15.70 -3.83
CA LEU A 470 6.03 -16.84 -4.72
C LEU A 470 5.15 -16.36 -5.88
N LEU A 471 4.23 -15.43 -5.61
CA LEU A 471 3.33 -14.89 -6.64
C LEU A 471 4.13 -14.04 -7.64
N THR A 472 5.16 -13.35 -7.14
CA THR A 472 6.01 -12.47 -8.00
C THR A 472 6.94 -13.35 -8.85
N SER A 473 7.26 -14.56 -8.36
CA SER A 473 8.16 -15.50 -9.08
C SER A 473 7.38 -16.17 -10.23
N LEU A 474 6.05 -16.21 -10.13
CA LEU A 474 5.19 -16.83 -11.18
C LEU A 474 5.05 -15.86 -12.35
N LEU A 475 5.21 -14.56 -12.09
CA LEU A 475 5.09 -13.52 -13.15
C LEU A 475 6.42 -13.41 -13.90
N LEU A 476 7.50 -13.93 -13.30
CA LEU A 476 8.84 -13.90 -13.94
C LEU A 476 9.08 -15.20 -14.70
N SER A 477 8.18 -16.18 -14.52
CA SER A 477 8.29 -17.49 -15.21
C SER A 477 7.28 -17.57 -16.34
N ALA A 478 6.70 -16.43 -16.74
CA ALA A 478 5.70 -16.39 -17.83
C ALA A 478 6.21 -15.48 -18.96
N THR A 479 7.26 -14.72 -18.69
CA THR A 479 7.86 -13.79 -19.70
C THR A 479 8.76 -14.58 -20.64
N VAL A 480 8.76 -14.24 -21.94
CA VAL A 480 9.59 -14.92 -22.95
C VAL A 480 10.91 -14.16 -23.12
N ASP A 481 11.89 -14.75 -23.80
CA ASP A 481 13.21 -14.11 -24.03
C ASP A 481 13.11 -13.19 -25.26
N GLY A 482 13.98 -12.18 -25.34
CA GLY A 482 14.00 -11.23 -26.46
C GLY A 482 14.13 -9.80 -25.99
N SER A 483 13.72 -8.83 -26.81
CA SER A 483 13.79 -7.42 -26.45
C SER A 483 12.49 -6.68 -26.79
N ASN A 484 11.43 -7.43 -27.01
CA ASN A 484 10.09 -6.84 -27.33
C ASN A 484 9.42 -6.24 -26.11
N GLY A 490 8.52 -11.28 -25.77
CA GLY A 490 9.44 -11.28 -24.61
C GLY A 490 8.68 -10.80 -23.36
N GLN A 491 7.67 -9.96 -23.55
CA GLN A 491 6.85 -9.43 -22.42
C GLN A 491 5.97 -10.54 -21.86
N LEU A 492 5.62 -10.45 -20.58
CA LEU A 492 4.76 -11.47 -19.91
C LEU A 492 3.46 -11.62 -20.70
N ASP A 493 3.11 -12.85 -21.07
CA ASP A 493 1.88 -13.10 -21.82
C ASP A 493 1.21 -14.40 -21.39
N PHE A 494 1.88 -15.15 -20.52
CA PHE A 494 1.43 -16.48 -20.13
C PHE A 494 0.04 -16.47 -19.50
N GLN A 495 -0.64 -17.60 -19.55
CA GLN A 495 -2.04 -17.70 -19.07
C GLN A 495 -2.04 -17.67 -17.53
N LEU A 496 -3.10 -17.11 -16.94
CA LEU A 496 -3.21 -17.01 -15.46
C LEU A 496 -4.12 -18.13 -14.94
N GLU A 497 -4.55 -19.02 -15.84
CA GLU A 497 -5.43 -20.15 -15.46
C GLU A 497 -4.59 -21.24 -14.79
N ARG A 498 -3.35 -21.43 -15.27
CA ARG A 498 -2.42 -22.46 -14.72
C ARG A 498 -1.52 -21.81 -13.67
N MET A 499 -1.53 -20.48 -13.59
CA MET A 499 -0.69 -19.74 -12.61
C MET A 499 -1.24 -19.97 -11.20
N ARG A 500 -2.55 -19.83 -11.00
CA ARG A 500 -3.12 -20.11 -9.67
C ARG A 500 -2.76 -21.55 -9.29
N GLU A 501 -3.03 -22.51 -10.18
CA GLU A 501 -2.81 -23.94 -9.85
C GLU A 501 -1.36 -24.12 -9.35
N THR A 502 -0.41 -23.43 -9.97
CA THR A 502 1.02 -23.52 -9.58
C THR A 502 1.20 -23.02 -8.15
N TYR A 503 0.54 -21.91 -7.81
CA TYR A 503 0.64 -21.34 -6.47
C TYR A 503 0.12 -22.30 -5.41
N LEU A 504 -0.99 -22.99 -5.70
CA LEU A 504 -1.57 -23.92 -4.73
C LEU A 504 -0.73 -25.18 -4.59
N THR A 505 -0.09 -25.63 -5.69
CA THR A 505 0.73 -26.83 -5.61
C THR A 505 2.00 -26.59 -4.80
N VAL A 506 2.65 -25.45 -5.01
CA VAL A 506 3.88 -25.15 -4.29
C VAL A 506 3.59 -24.87 -2.81
N GLU A 507 2.54 -24.08 -2.54
CA GLU A 507 2.18 -23.78 -1.16
C GLU A 507 1.87 -25.04 -0.37
N ALA A 508 1.29 -26.04 -1.02
CA ALA A 508 1.04 -27.31 -0.34
C ALA A 508 2.33 -28.03 -0.01
N THR A 509 3.28 -28.03 -0.95
CA THR A 509 4.55 -28.72 -0.72
C THR A 509 5.31 -28.13 0.46
N ILE A 510 5.29 -26.80 0.59
CA ILE A 510 5.92 -26.16 1.75
C ILE A 510 5.26 -26.63 3.04
N HIS A 511 3.94 -26.78 3.02
CA HIS A 511 3.23 -27.22 4.22
C HIS A 511 3.47 -28.71 4.49
N GLU A 512 3.60 -29.52 3.44
CA GLU A 512 3.90 -30.93 3.63
C GLU A 512 5.28 -31.12 4.27
N LEU A 513 6.24 -30.28 3.89
CA LEU A 513 7.60 -30.36 4.42
C LEU A 513 7.74 -29.74 5.81
N GLY A 514 6.65 -29.27 6.40
CA GLY A 514 6.72 -28.66 7.72
C GLY A 514 7.55 -27.40 7.77
N LEU A 515 7.66 -26.68 6.67
CA LEU A 515 8.45 -25.46 6.60
C LEU A 515 7.64 -24.21 6.91
N ASP A 516 6.37 -24.38 7.29
CA ASP A 516 5.49 -23.22 7.63
C ASP A 516 6.08 -22.48 8.84
N LYS A 517 6.38 -21.19 8.68
CA LYS A 517 6.94 -20.37 9.76
C LYS A 517 8.25 -20.97 10.29
N ILE A 518 9.09 -21.42 9.35
CA ILE A 518 10.41 -22.02 9.69
C ILE A 518 11.40 -20.91 10.05
N TRP A 519 10.91 -19.66 10.08
CA TRP A 519 11.77 -18.49 10.42
C TRP A 519 11.61 -18.13 11.90
N ASP A 520 11.00 -19.03 12.68
CA ASP A 520 10.78 -18.81 14.13
C ASP A 520 11.39 -19.96 14.92
N ALA A 521 11.82 -21.02 14.23
CA ALA A 521 12.42 -22.18 14.90
C ALA A 521 13.78 -21.80 15.47
N LYS A 522 13.94 -22.01 16.78
CA LYS A 522 15.20 -21.71 17.43
C LYS A 522 16.29 -22.66 16.94
N PRO A 523 17.56 -22.22 16.96
CA PRO A 523 18.65 -23.11 16.57
C PRO A 523 18.85 -24.23 17.58
N LEU A 524 19.40 -25.34 17.09
CA LEU A 524 19.61 -26.50 17.96
C LEU A 524 20.73 -26.25 18.96
N VAL A 525 21.83 -25.63 18.52
CA VAL A 525 23.00 -25.38 19.36
C VAL A 525 23.27 -23.88 19.36
N ASN A 526 23.39 -23.30 20.55
CA ASN A 526 23.66 -21.87 20.67
C ASN A 526 25.14 -21.60 20.42
N GLY A 527 25.53 -20.33 20.53
CA GLY A 527 26.90 -19.96 20.24
C GLY A 527 27.89 -20.38 21.30
N ARG A 528 27.45 -20.48 22.55
CA ARG A 528 28.37 -20.81 23.63
C ARG A 528 28.77 -22.28 23.60
N GLU A 529 27.84 -23.16 23.23
CA GLU A 529 28.18 -24.58 23.10
C GLU A 529 29.02 -24.84 21.86
N ILE A 530 28.90 -23.99 20.84
CA ILE A 530 29.75 -24.15 19.66
C ILE A 530 31.22 -23.96 20.03
N MET A 531 31.51 -22.96 20.87
CA MET A 531 32.88 -22.77 21.33
C MET A 531 33.30 -23.88 22.29
N GLN A 532 32.34 -24.50 22.98
CA GLN A 532 32.68 -25.61 23.87
C GLN A 532 33.07 -26.85 23.07
N ILE A 533 32.25 -27.22 22.08
CA ILE A 533 32.54 -28.42 21.30
C ILE A 533 33.75 -28.19 20.40
N ALA A 534 33.90 -27.00 19.85
CA ALA A 534 35.06 -26.67 19.03
C ALA A 534 36.22 -26.27 19.95
N GLU A 535 37.33 -25.86 19.32
CA GLU A 535 38.54 -25.43 20.07
C GLU A 535 38.44 -23.94 20.41
N LEU A 536 39.48 -23.39 21.04
CA LEU A 536 39.51 -21.95 21.42
C LEU A 536 39.72 -21.11 20.16
N LYS A 537 40.40 -21.66 19.15
CA LYS A 537 40.67 -20.94 17.88
C LYS A 537 39.33 -20.59 17.21
N GLY A 538 38.97 -19.30 17.19
CA GLY A 538 37.71 -18.85 16.59
C GLY A 538 37.28 -17.50 17.12
N GLY A 539 36.13 -16.99 16.66
CA GLY A 539 35.61 -15.68 17.11
C GLY A 539 34.35 -15.45 16.30
N SER A 540 33.67 -14.33 16.55
CA SER A 540 32.22 -14.07 16.28
C SER A 540 31.91 -14.30 14.79
N ARG A 541 32.93 -14.58 13.98
CA ARG A 541 32.74 -14.94 12.55
C ARG A 541 32.61 -16.46 12.43
N LEU A 542 33.02 -17.20 13.47
CA LEU A 542 32.95 -18.66 13.47
C LEU A 542 31.61 -19.17 13.97
N ILE A 543 31.00 -18.48 14.95
CA ILE A 543 29.70 -18.91 15.45
C ILE A 543 28.67 -18.91 14.34
N ARG A 544 28.58 -17.79 13.61
CA ARG A 544 27.66 -17.73 12.47
C ARG A 544 28.05 -18.73 11.38
N GLU A 545 29.36 -18.97 11.23
CA GLU A 545 29.82 -19.98 10.27
C GLU A 545 29.32 -21.37 10.65
N TRP A 546 29.41 -21.72 11.93
CA TRP A 546 28.99 -23.05 12.36
C TRP A 546 27.46 -23.16 12.43
N GLN A 547 26.77 -22.06 12.75
CA GLN A 547 25.32 -22.14 12.88
C GLN A 547 24.63 -22.29 11.52
N GLN A 548 25.25 -21.78 10.45
CA GLN A 548 24.70 -22.01 9.12
C GLN A 548 24.84 -23.46 8.70
N LYS A 549 25.90 -24.13 9.18
CA LYS A 549 26.03 -25.56 8.89
C LYS A 549 25.07 -26.39 9.73
N LEU A 550 24.86 -25.98 10.99
CA LEU A 550 23.91 -26.69 11.84
C LEU A 550 22.48 -26.51 11.35
N LEU A 551 22.15 -25.34 10.80
CA LEU A 551 20.82 -25.15 10.23
C LEU A 551 20.56 -26.12 9.08
N THR A 552 21.59 -26.41 8.29
CA THR A 552 21.46 -27.41 7.23
C THR A 552 21.19 -28.79 7.81
N TRP A 553 21.80 -29.10 8.97
CA TRP A 553 21.51 -30.36 9.63
C TRP A 553 20.10 -30.39 10.19
N GLN A 554 19.65 -29.27 10.77
CA GLN A 554 18.30 -29.21 11.32
C GLN A 554 17.23 -29.27 10.24
N LEU A 555 17.50 -28.67 9.09
CA LEU A 555 16.54 -28.73 7.99
C LEU A 555 16.52 -30.09 7.31
N ALA A 556 17.62 -30.85 7.40
CA ALA A 556 17.66 -32.16 6.75
C ALA A 556 17.08 -33.24 7.66
N TYR A 557 17.37 -33.16 8.97
CA TYR A 557 16.84 -34.10 9.95
C TYR A 557 15.78 -33.39 10.79
N PRO A 558 14.52 -33.40 10.37
CA PRO A 558 13.51 -32.61 11.10
C PRO A 558 13.19 -33.16 12.47
N ASN A 559 13.31 -34.47 12.68
CA ASN A 559 13.00 -35.10 13.96
C ASN A 559 14.25 -35.33 14.81
N GLY A 560 15.40 -34.79 14.40
CA GLY A 560 16.60 -34.94 15.19
C GLY A 560 16.64 -34.01 16.38
N THR A 561 17.31 -34.46 17.45
CA THR A 561 17.40 -33.69 18.68
C THR A 561 18.65 -32.81 18.67
N ALA A 562 18.83 -32.04 19.73
CA ALA A 562 20.03 -31.23 19.87
C ALA A 562 21.23 -32.10 20.24
N GLU A 563 21.04 -33.03 21.19
CA GLU A 563 22.12 -33.94 21.54
C GLU A 563 22.49 -34.85 20.39
N GLU A 564 21.51 -35.24 19.57
CA GLU A 564 21.82 -35.99 18.36
C GLU A 564 22.64 -35.17 17.38
N CYS A 565 22.43 -33.86 17.35
CA CYS A 565 23.24 -32.99 16.50
C CYS A 565 24.63 -32.77 17.08
N LYS A 566 24.75 -32.74 18.41
CA LYS A 566 26.06 -32.57 19.03
C LYS A 566 26.91 -33.84 18.91
N GLU A 567 26.27 -35.00 18.83
CA GLU A 567 27.02 -36.23 18.56
C GLU A 567 27.65 -36.19 17.17
N TRP A 568 26.92 -35.67 16.19
CA TRP A 568 27.49 -35.49 14.86
C TRP A 568 28.57 -34.42 14.86
N MET A 569 28.46 -33.42 15.73
CA MET A 569 29.49 -32.39 15.81
C MET A 569 30.74 -32.90 16.51
N ARG A 570 30.56 -33.64 17.61
CA ARG A 570 31.71 -34.18 18.33
C ARG A 570 32.41 -35.26 17.53
N ASP A 571 31.66 -36.04 16.74
CA ASP A 571 32.28 -37.08 15.93
C ASP A 571 33.02 -36.49 14.74
N ILE A 572 32.51 -35.42 14.15
CA ILE A 572 33.12 -34.88 12.94
C ILE A 572 34.39 -34.10 13.27
N LYS A 573 34.48 -33.50 14.46
CA LYS A 573 35.72 -32.87 14.86
C LYS A 573 36.77 -33.89 15.27
N ALA A 574 36.34 -35.06 15.75
CA ALA A 574 37.23 -36.17 16.01
C ALA A 574 37.65 -36.92 14.75
N LYS A 575 37.03 -36.60 13.61
CA LYS A 575 37.41 -37.17 12.33
C LYS A 575 38.04 -36.15 11.38
N ARG A 576 38.01 -34.87 11.73
CA ARG A 576 38.61 -33.79 10.94
C ARG A 576 38.16 -33.82 9.47
N GLN A 577 36.85 -33.70 9.27
CA GLN A 577 36.24 -33.70 7.91
C GLN A 577 35.62 -32.32 7.64
N ARG A 578 36.33 -31.48 6.88
CA ARG A 578 35.84 -30.12 6.55
C ARG A 578 34.56 -30.22 5.71
N ILE A 579 33.53 -29.45 6.07
CA ILE A 579 32.24 -29.46 5.33
C ILE A 579 32.24 -28.31 4.31
N GLU A 580 32.54 -27.09 4.77
CA GLU A 580 32.59 -25.92 3.91
C GLU A 580 32.55 -26.27 2.42
#